data_3P5G
#
_entry.id   3P5G
#
_cell.length_a   79.86
_cell.length_b   79.86
_cell.length_c   90.17
_cell.angle_alpha   90.00
_cell.angle_beta   90.00
_cell.angle_gamma   90.00
#
_symmetry.space_group_name_H-M   'P 42'
#
loop_
_entity.id
_entity.type
_entity.pdbx_description
1 polymer 'C-type lectin domain family 4 member K'
2 branched alpha-L-fucopyranose-(1-2)-[alpha-D-galactopyranose-(1-3)]beta-D-galactopyranose
3 branched alpha-L-fucopyranose-(1-2)-[alpha-D-galactopyranose-(1-3)]alpha-D-galactopyranose
4 non-polymer 'CALCIUM ION'
5 non-polymer alpha-L-fucopyranose
6 water water
#
_entity_poly.entity_id   1
_entity_poly.type   'polypeptide(L)'
_entity_poly.pdbx_seq_one_letter_code
;QVVSQGWKYFKGNFYYFSLIPKTWYSAEQFCVSRNSHLTSVTSESEQEFLYKTAGGLIYWIGLTKAGMEGDWSWVDDTPF
NKVQSARFWIPGEPNNAGNNEHCGNIKAPSLQAWNDAPCDKTFLFICKRPYVPSEP
;
_entity_poly.pdbx_strand_id   A,B,C,D
#
# COMPACT_ATOMS: atom_id res chain seq x y z
N GLY A 6 12.41 -12.69 -22.86
CA GLY A 6 13.20 -11.50 -23.17
C GLY A 6 13.57 -10.69 -21.95
N TRP A 7 13.21 -11.18 -20.77
CA TRP A 7 13.54 -10.48 -19.52
C TRP A 7 15.04 -10.49 -19.32
N LYS A 8 15.58 -9.35 -18.91
CA LYS A 8 17.01 -9.20 -18.70
C LYS A 8 17.31 -9.16 -17.22
N TYR A 9 18.39 -9.81 -16.81
CA TYR A 9 18.69 -9.96 -15.39
C TYR A 9 19.74 -8.97 -14.88
N PHE A 10 19.44 -8.33 -13.75
CA PHE A 10 20.38 -7.41 -13.14
C PHE A 10 20.14 -7.32 -11.63
N LYS A 11 21.15 -7.74 -10.86
CA LYS A 11 21.14 -7.61 -9.40
C LYS A 11 19.82 -7.99 -8.73
N GLY A 12 19.38 -9.23 -8.94
CA GLY A 12 18.26 -9.75 -8.21
C GLY A 12 16.91 -9.42 -8.80
N ASN A 13 16.89 -8.70 -9.92
CA ASN A 13 15.65 -8.39 -10.59
C ASN A 13 15.68 -8.74 -12.07
N PHE A 14 14.53 -9.06 -12.63
CA PHE A 14 14.38 -9.20 -14.08
C PHE A 14 13.69 -7.96 -14.66
N TYR A 15 14.10 -7.57 -15.87
CA TYR A 15 13.60 -6.35 -16.51
C TYR A 15 13.08 -6.66 -17.91
N TYR A 16 11.91 -6.11 -18.22
CA TYR A 16 11.28 -6.28 -19.53
C TYR A 16 11.26 -4.94 -20.25
N PHE A 17 11.98 -4.86 -21.36
CA PHE A 17 11.95 -3.66 -22.19
C PHE A 17 10.94 -3.89 -23.31
N SER A 18 9.84 -3.15 -23.25
CA SER A 18 8.71 -3.45 -24.11
C SER A 18 9.01 -3.20 -25.58
N LEU A 19 8.23 -3.84 -26.44
CA LEU A 19 8.37 -3.66 -27.88
C LEU A 19 7.20 -2.84 -28.43
N ILE A 20 6.17 -2.70 -27.61
CA ILE A 20 4.99 -1.96 -27.99
C ILE A 20 4.82 -0.78 -27.04
N PRO A 21 4.50 0.39 -27.58
CA PRO A 21 4.37 1.54 -26.68
C PRO A 21 2.97 1.61 -26.07
N LYS A 22 2.89 2.17 -24.86
CA LYS A 22 1.61 2.33 -24.17
C LYS A 22 1.64 3.62 -23.33
N THR A 23 0.47 4.09 -22.93
CA THR A 23 0.39 5.13 -21.92
C THR A 23 1.00 4.61 -20.62
N TRP A 24 1.31 5.53 -19.70
CA TRP A 24 1.98 5.13 -18.48
C TRP A 24 1.15 4.11 -17.74
N TYR A 25 -0.15 4.37 -17.60
CA TYR A 25 -0.95 3.46 -16.79
C TYR A 25 -1.25 2.14 -17.51
N SER A 26 -1.43 2.18 -18.82
CA SER A 26 -1.66 0.93 -19.54
C SER A 26 -0.39 0.07 -19.50
N ALA A 27 0.76 0.75 -19.50
CA ALA A 27 2.05 0.08 -19.33
C ALA A 27 2.13 -0.56 -17.94
N GLU A 28 1.80 0.20 -16.91
CA GLU A 28 1.83 -0.35 -15.55
C GLU A 28 0.90 -1.57 -15.45
N GLN A 29 -0.30 -1.47 -16.01
CA GLN A 29 -1.21 -2.61 -16.01
C GLN A 29 -0.62 -3.85 -16.68
N PHE A 30 0.05 -3.63 -17.80
CA PHE A 30 0.74 -4.71 -18.47
C PHE A 30 1.78 -5.31 -17.55
N CYS A 31 2.58 -4.46 -16.90
CA CYS A 31 3.55 -4.97 -15.94
C CYS A 31 2.88 -5.81 -14.84
N VAL A 32 1.80 -5.29 -14.28
CA VAL A 32 1.12 -6.00 -13.19
C VAL A 32 0.58 -7.35 -13.65
N SER A 33 0.17 -7.43 -14.92
CA SER A 33 -0.32 -8.68 -15.49
C SER A 33 0.79 -9.70 -15.71
N ARG A 34 2.04 -9.25 -15.57
CA ARG A 34 3.19 -10.14 -15.65
C ARG A 34 3.92 -10.18 -14.32
N ASN A 35 3.18 -9.97 -13.23
CA ASN A 35 3.74 -10.05 -11.88
C ASN A 35 4.90 -9.09 -11.67
N SER A 36 4.77 -7.88 -12.20
CA SER A 36 5.83 -6.88 -12.09
C SER A 36 5.25 -5.47 -11.95
N HIS A 37 6.13 -4.48 -12.01
CA HIS A 37 5.74 -3.07 -11.95
C HIS A 37 6.65 -2.30 -12.87
N LEU A 38 6.20 -1.14 -13.33
CA LEU A 38 7.14 -0.24 -14.00
C LEU A 38 8.32 -0.01 -13.05
N THR A 39 9.53 0.01 -13.62
CA THR A 39 10.74 -0.07 -12.81
C THR A 39 11.00 1.13 -11.90
N SER A 40 11.45 0.85 -10.69
CA SER A 40 12.05 1.86 -9.82
C SER A 40 13.54 1.95 -10.17
N VAL A 41 14.20 3.01 -9.68
CA VAL A 41 15.64 3.16 -9.89
C VAL A 41 16.24 3.62 -8.57
N THR A 42 17.13 2.81 -7.99
CA THR A 42 17.58 3.10 -6.63
C THR A 42 19.09 3.15 -6.47
N SER A 43 19.81 3.12 -7.58
CA SER A 43 21.26 3.23 -7.52
C SER A 43 21.80 3.69 -8.86
N GLU A 44 23.01 4.24 -8.81
CA GLU A 44 23.70 4.68 -10.02
C GLU A 44 23.86 3.49 -10.96
N SER A 45 24.17 2.32 -10.42
CA SER A 45 24.38 1.15 -11.26
C SER A 45 23.09 0.66 -11.92
N GLU A 46 21.96 0.85 -11.26
CA GLU A 46 20.68 0.49 -11.87
C GLU A 46 20.31 1.51 -12.95
N GLN A 47 20.52 2.79 -12.67
CA GLN A 47 20.29 3.83 -13.69
C GLN A 47 21.12 3.53 -14.93
N GLU A 48 22.39 3.21 -14.72
CA GLU A 48 23.31 2.91 -15.81
C GLU A 48 22.82 1.71 -16.61
N PHE A 49 22.49 0.61 -15.93
CA PHE A 49 21.97 -0.57 -16.60
C PHE A 49 20.77 -0.22 -17.48
N LEU A 50 19.84 0.54 -16.91
CA LEU A 50 18.63 0.90 -17.62
C LEU A 50 18.87 1.79 -18.83
N TYR A 51 19.62 2.88 -18.68
CA TYR A 51 19.77 3.77 -19.83
C TYR A 51 20.64 3.14 -20.92
N LYS A 52 21.66 2.39 -20.53
CA LYS A 52 22.47 1.69 -21.52
C LYS A 52 21.65 0.64 -22.29
N THR A 53 20.82 -0.13 -21.59
CA THR A 53 20.00 -1.12 -22.26
C THR A 53 18.93 -0.46 -23.14
N ALA A 54 18.49 0.73 -22.73
CA ALA A 54 17.47 1.46 -23.48
C ALA A 54 17.98 1.90 -24.87
N GLY A 55 19.29 1.99 -25.00
CA GLY A 55 19.91 2.25 -26.29
C GLY A 55 19.43 3.48 -27.02
N GLY A 56 19.13 4.53 -26.26
CA GLY A 56 18.77 5.81 -26.84
C GLY A 56 17.28 6.02 -27.09
N LEU A 57 16.46 5.02 -26.79
CA LEU A 57 15.02 5.16 -26.92
C LEU A 57 14.40 5.51 -25.58
N ILE A 58 13.23 6.13 -25.64
CA ILE A 58 12.53 6.61 -24.44
C ILE A 58 11.61 5.55 -23.86
N TYR A 59 11.74 5.29 -22.55
CA TYR A 59 10.91 4.28 -21.90
C TYR A 59 10.28 4.84 -20.62
N TRP A 60 8.98 4.65 -20.49
CA TRP A 60 8.32 4.88 -19.20
C TRP A 60 9.02 4.07 -18.12
N ILE A 61 9.23 4.72 -16.97
CA ILE A 61 9.61 3.99 -15.77
C ILE A 61 8.55 4.27 -14.68
N GLY A 62 8.76 3.74 -13.48
CA GLY A 62 7.72 3.80 -12.47
C GLY A 62 7.56 5.11 -11.73
N LEU A 63 8.07 6.20 -12.30
CA LEU A 63 7.93 7.53 -11.68
C LEU A 63 6.53 8.07 -11.86
N THR A 64 5.87 8.45 -10.77
CA THR A 64 4.56 9.12 -10.87
C THR A 64 4.33 9.99 -9.63
N LYS A 65 3.44 10.97 -9.72
CA LYS A 65 3.18 11.86 -8.58
C LYS A 65 2.22 11.25 -7.56
N ALA A 66 2.44 11.57 -6.29
CA ALA A 66 1.58 11.09 -5.19
C ALA A 66 1.48 12.15 -4.09
N GLY A 67 0.32 12.24 -3.47
CA GLY A 67 0.09 13.22 -2.42
C GLY A 67 -0.33 14.57 -2.98
N MET A 68 -0.86 15.43 -2.09
CA MET A 68 -1.30 16.76 -2.48
C MET A 68 -0.17 17.62 -3.02
N GLU A 69 1.05 17.37 -2.51
CA GLU A 69 2.19 18.19 -2.88
C GLU A 69 2.68 17.89 -4.29
N GLY A 70 2.25 16.76 -4.83
CA GLY A 70 2.76 16.32 -6.12
C GLY A 70 4.19 15.84 -6.02
N ASP A 71 4.54 15.26 -4.88
CA ASP A 71 5.85 14.65 -4.70
C ASP A 71 5.98 13.46 -5.63
N TRP A 72 7.17 13.29 -6.17
CA TRP A 72 7.44 12.11 -6.98
C TRP A 72 7.47 10.85 -6.12
N SER A 73 7.10 9.74 -6.74
CA SER A 73 6.95 8.46 -6.04
C SER A 73 7.23 7.33 -7.01
N TRP A 74 7.43 6.13 -6.47
CA TRP A 74 7.61 4.94 -7.29
C TRP A 74 6.37 4.05 -7.20
N VAL A 75 5.84 3.62 -8.34
CA VAL A 75 4.62 2.82 -8.33
C VAL A 75 4.81 1.47 -7.63
N ASP A 76 6.03 0.96 -7.62
CA ASP A 76 6.30 -0.28 -6.88
C ASP A 76 6.45 -0.10 -5.37
N ASP A 77 6.17 1.11 -4.90
CA ASP A 77 6.22 1.48 -3.47
C ASP A 77 7.60 1.59 -2.83
N THR A 78 8.66 1.51 -3.62
CA THR A 78 9.96 1.94 -3.12
C THR A 78 9.81 3.39 -2.66
N PRO A 79 10.22 3.70 -1.43
CA PRO A 79 10.20 5.10 -1.00
C PRO A 79 11.05 5.96 -1.94
N PHE A 80 10.54 7.12 -2.32
CA PHE A 80 11.28 8.01 -3.21
C PHE A 80 12.23 8.91 -2.41
N ASN A 81 13.51 8.86 -2.77
CA ASN A 81 14.56 9.59 -2.06
C ASN A 81 14.94 10.81 -2.89
N LYS A 82 14.44 11.97 -2.48
CA LYS A 82 14.62 13.21 -3.24
C LYS A 82 16.09 13.58 -3.35
N VAL A 83 16.82 13.39 -2.26
CA VAL A 83 18.23 13.74 -2.23
C VAL A 83 19.07 12.84 -3.13
N GLN A 84 18.89 11.53 -2.99
CA GLN A 84 19.68 10.58 -3.75
C GLN A 84 19.28 10.51 -5.22
N SER A 85 18.08 10.99 -5.55
CA SER A 85 17.59 10.93 -6.93
CA SER A 85 17.60 10.92 -6.93
C SER A 85 17.87 12.21 -7.72
N ALA A 86 18.35 13.24 -7.04
CA ALA A 86 18.60 14.52 -7.68
C ALA A 86 19.47 14.37 -8.92
N ARG A 87 20.44 13.48 -8.85
CA ARG A 87 21.43 13.31 -9.89
C ARG A 87 20.87 12.61 -11.13
N PHE A 88 19.64 12.11 -11.05
CA PHE A 88 19.12 11.24 -12.10
C PHE A 88 18.23 11.95 -13.12
N TRP A 89 17.81 13.18 -12.82
CA TRP A 89 17.01 13.98 -13.73
C TRP A 89 17.83 14.70 -14.79
N ILE A 90 17.24 14.87 -15.98
CA ILE A 90 17.82 15.74 -16.99
C ILE A 90 17.77 17.16 -16.43
N PRO A 91 18.90 17.89 -16.52
CA PRO A 91 18.94 19.26 -16.00
C PRO A 91 17.75 20.06 -16.52
N GLY A 92 16.99 20.68 -15.61
CA GLY A 92 15.79 21.41 -15.97
C GLY A 92 14.52 20.63 -15.65
N GLU A 93 14.67 19.33 -15.48
CA GLU A 93 13.54 18.47 -15.13
C GLU A 93 13.58 18.10 -13.66
N PRO A 94 12.41 17.84 -13.06
CA PRO A 94 11.11 17.87 -13.73
C PRO A 94 10.62 19.31 -13.91
N ASN A 95 10.19 19.64 -15.11
CA ASN A 95 9.82 21.02 -15.41
C ASN A 95 8.31 21.18 -15.47
N ASN A 96 7.61 20.06 -15.43
CA ASN A 96 6.16 20.06 -15.46
C ASN A 96 5.57 20.81 -16.66
N ALA A 97 6.22 20.66 -17.81
CA ALA A 97 5.80 21.32 -19.04
C ALA A 97 4.29 21.28 -19.28
N GLY A 98 3.72 22.43 -19.62
CA GLY A 98 2.29 22.52 -19.84
C GLY A 98 1.47 22.17 -18.61
N ASN A 99 2.13 22.12 -17.46
CA ASN A 99 1.47 21.76 -16.20
C ASN A 99 0.70 20.45 -16.29
N ASN A 100 1.22 19.48 -17.03
CA ASN A 100 0.50 18.24 -17.22
C ASN A 100 1.45 17.05 -17.32
N GLU A 101 2.54 17.10 -16.56
CA GLU A 101 3.54 16.04 -16.66
C GLU A 101 3.70 15.35 -15.31
N HIS A 102 2.88 14.32 -15.11
CA HIS A 102 2.74 13.69 -13.81
C HIS A 102 3.27 12.26 -13.77
N CYS A 103 3.97 11.87 -14.84
CA CYS A 103 4.65 10.57 -14.92
C CYS A 103 6.08 10.80 -15.44
N GLY A 104 6.96 9.83 -15.26
CA GLY A 104 8.36 10.00 -15.59
C GLY A 104 8.90 8.88 -16.48
N ASN A 105 9.81 9.23 -17.38
CA ASN A 105 10.45 8.26 -18.27
C ASN A 105 11.96 8.39 -18.24
N ILE A 106 12.65 7.39 -18.78
CA ILE A 106 14.07 7.50 -19.11
C ILE A 106 14.16 8.02 -20.54
N LYS A 107 14.78 9.19 -20.70
CA LYS A 107 14.82 9.85 -22.00
C LYS A 107 16.24 9.95 -22.57
N ALA A 108 17.17 10.48 -21.78
CA ALA A 108 18.54 10.67 -22.29
C ALA A 108 19.46 9.53 -21.88
N PRO A 109 20.34 9.11 -22.79
CA PRO A 109 21.32 8.07 -22.46
C PRO A 109 22.44 8.69 -21.65
N SER A 110 22.18 8.88 -20.37
CA SER A 110 23.12 9.51 -19.46
C SER A 110 22.63 9.23 -18.05
N LEU A 111 23.52 9.38 -17.06
CA LEU A 111 23.08 9.27 -15.67
C LEU A 111 21.97 10.28 -15.41
N GLN A 112 22.09 11.44 -16.05
CA GLN A 112 21.04 12.45 -15.99
C GLN A 112 20.05 12.14 -17.10
N ALA A 113 19.06 11.30 -16.80
CA ALA A 113 18.26 10.63 -17.83
C ALA A 113 16.78 10.96 -17.80
N TRP A 114 16.25 11.28 -16.63
CA TRP A 114 14.81 11.32 -16.47
C TRP A 114 14.16 12.60 -16.97
N ASN A 115 12.96 12.43 -17.51
CA ASN A 115 12.10 13.53 -17.87
C ASN A 115 10.68 13.28 -17.38
N ASP A 116 10.00 14.33 -16.91
CA ASP A 116 8.57 14.19 -16.68
C ASP A 116 7.81 14.49 -17.97
N ALA A 117 6.79 13.69 -18.25
CA ALA A 117 6.02 13.79 -19.48
C ALA A 117 4.57 13.44 -19.20
N PRO A 118 3.66 13.80 -20.10
CA PRO A 118 2.24 13.55 -19.82
C PRO A 118 1.95 12.06 -19.76
N CYS A 119 1.20 11.66 -18.73
CA CYS A 119 0.91 10.25 -18.50
C CYS A 119 0.17 9.59 -19.66
N ASP A 120 -0.55 10.39 -20.44
CA ASP A 120 -1.35 9.85 -21.53
C ASP A 120 -0.59 9.71 -22.85
N LYS A 121 0.67 10.11 -22.85
CA LYS A 121 1.51 9.92 -24.03
C LYS A 121 1.99 8.48 -24.08
N THR A 122 2.15 7.93 -25.29
CA THR A 122 2.58 6.55 -25.42
C THR A 122 4.09 6.47 -25.63
N PHE A 123 4.70 5.56 -24.88
CA PHE A 123 6.12 5.26 -24.98
C PHE A 123 6.31 3.78 -24.74
N LEU A 124 7.44 3.25 -25.21
CA LEU A 124 7.89 1.95 -24.74
C LEU A 124 8.03 2.06 -23.22
N PHE A 125 8.17 0.93 -22.55
CA PHE A 125 8.19 0.94 -21.09
C PHE A 125 9.03 -0.19 -20.52
N ILE A 126 9.44 -0.05 -19.26
CA ILE A 126 10.29 -1.05 -18.62
C ILE A 126 9.61 -1.62 -17.37
N CYS A 127 9.37 -2.94 -17.35
CA CYS A 127 8.88 -3.62 -16.16
C CYS A 127 10.04 -4.18 -15.33
N LYS A 128 9.83 -4.31 -14.03
CA LYS A 128 10.83 -4.85 -13.13
C LYS A 128 10.15 -5.87 -12.25
N ARG A 129 10.75 -7.06 -12.16
CA ARG A 129 10.15 -8.22 -11.50
C ARG A 129 11.23 -8.83 -10.62
N PRO A 130 10.98 -8.96 -9.32
CA PRO A 130 11.96 -9.55 -8.42
C PRO A 130 12.22 -11.00 -8.77
N TYR A 131 13.46 -11.46 -8.65
CA TYR A 131 13.71 -12.90 -8.65
C TYR A 131 13.62 -13.35 -7.21
N VAL A 132 12.86 -14.41 -6.97
CA VAL A 132 12.74 -14.94 -5.61
C VAL A 132 13.09 -16.42 -5.60
N PRO A 133 14.32 -16.73 -5.17
CA PRO A 133 14.82 -18.12 -5.12
C PRO A 133 13.94 -19.00 -4.24
N GLY B 6 -12.75 -23.99 9.23
CA GLY B 6 -13.62 -23.29 10.16
C GLY B 6 -13.99 -21.88 9.76
N TRP B 7 -13.69 -21.49 8.52
CA TRP B 7 -14.05 -20.15 8.06
C TRP B 7 -15.56 -19.99 7.97
N LYS B 8 -16.06 -18.86 8.45
CA LYS B 8 -17.49 -18.56 8.44
C LYS B 8 -17.80 -17.51 7.38
N TYR B 9 -18.92 -17.68 6.71
CA TYR B 9 -19.23 -16.83 5.56
C TYR B 9 -20.25 -15.75 5.88
N PHE B 10 -20.02 -14.54 5.37
CA PHE B 10 -20.96 -13.45 5.53
C PHE B 10 -20.74 -12.39 4.47
N LYS B 11 -21.76 -12.17 3.66
CA LYS B 11 -21.79 -11.10 2.66
C LYS B 11 -20.52 -10.99 1.85
N GLY B 12 -20.12 -12.10 1.23
CA GLY B 12 -19.01 -12.08 0.31
C GLY B 12 -17.63 -12.21 0.92
N ASN B 13 -17.57 -12.35 2.25
CA ASN B 13 -16.31 -12.54 2.96
C ASN B 13 -16.32 -13.79 3.84
N PHE B 14 -15.13 -14.36 4.05
CA PHE B 14 -14.93 -15.46 4.99
C PHE B 14 -14.17 -14.97 6.20
N TYR B 15 -14.53 -15.48 7.38
CA TYR B 15 -13.95 -15.03 8.64
C TYR B 15 -13.42 -16.19 9.45
N TYR B 16 -12.27 -16.00 10.07
CA TYR B 16 -11.69 -17.02 10.93
C TYR B 16 -11.62 -16.49 12.35
N PHE B 17 -12.32 -17.17 13.27
CA PHE B 17 -12.25 -16.82 14.68
C PHE B 17 -11.23 -17.73 15.35
N SER B 18 -10.12 -17.18 15.82
CA SER B 18 -9.03 -18.02 16.30
C SER B 18 -9.37 -18.75 17.59
N LEU B 19 -8.62 -19.83 17.84
CA LEU B 19 -8.78 -20.61 19.06
C LEU B 19 -7.60 -20.40 20.00
N ILE B 20 -6.53 -19.81 19.46
CA ILE B 20 -5.31 -19.54 20.20
C ILE B 20 -5.10 -18.02 20.22
N PRO B 21 -4.69 -17.46 21.37
CA PRO B 21 -4.47 -16.01 21.46
C PRO B 21 -3.07 -15.61 21.01
N LYS B 22 -2.96 -14.41 20.46
CA LYS B 22 -1.69 -13.87 20.00
C LYS B 22 -1.68 -12.38 20.25
N THR B 23 -0.50 -11.77 20.18
CA THR B 23 -0.42 -10.32 20.15
C THR B 23 -1.05 -9.85 18.84
N TRP B 24 -1.35 -8.56 18.75
CA TRP B 24 -1.99 -8.05 17.55
C TRP B 24 -1.18 -8.37 16.30
N TYR B 25 0.12 -8.08 16.33
CA TYR B 25 0.95 -8.28 15.14
C TYR B 25 1.18 -9.75 14.79
N SER B 26 1.41 -10.58 15.80
CA SER B 26 1.52 -12.02 15.54
C SER B 26 0.20 -12.57 15.00
N ALA B 27 -0.92 -12.00 15.43
CA ALA B 27 -2.22 -12.38 14.88
C ALA B 27 -2.31 -12.00 13.42
N GLU B 28 -1.92 -10.76 13.10
CA GLU B 28 -1.95 -10.30 11.71
C GLU B 28 -1.06 -11.17 10.83
N GLN B 29 0.12 -11.51 11.32
CA GLN B 29 1.01 -12.40 10.56
C GLN B 29 0.38 -13.75 10.30
N PHE B 30 -0.36 -14.26 11.28
CA PHE B 30 -1.08 -15.51 11.11
C PHE B 30 -2.13 -15.33 10.02
N CYS B 31 -2.90 -14.25 10.10
CA CYS B 31 -3.90 -13.98 9.07
C CYS B 31 -3.25 -13.92 7.69
N VAL B 32 -2.13 -13.22 7.59
CA VAL B 32 -1.48 -13.05 6.30
C VAL B 32 -0.99 -14.40 5.76
N SER B 33 -0.57 -15.29 6.66
CA SER B 33 -0.12 -16.62 6.27
C SER B 33 -1.28 -17.45 5.74
N ARG B 34 -2.50 -16.98 5.98
CA ARG B 34 -3.70 -17.65 5.49
C ARG B 34 -4.41 -16.80 4.42
N ASN B 35 -3.65 -15.97 3.73
CA ASN B 35 -4.20 -15.12 2.67
CA ASN B 35 -4.19 -15.12 2.67
C ASN B 35 -5.35 -14.26 3.16
N SER B 36 -5.19 -13.69 4.35
CA SER B 36 -6.23 -12.87 4.94
C SER B 36 -5.61 -11.73 5.73
N HIS B 37 -6.43 -10.96 6.43
CA HIS B 37 -5.95 -9.91 7.33
C HIS B 37 -6.83 -9.90 8.56
N LEU B 38 -6.36 -9.33 9.66
CA LEU B 38 -7.29 -9.04 10.75
C LEU B 38 -8.47 -8.24 10.18
N THR B 39 -9.68 -8.53 10.65
CA THR B 39 -10.87 -8.02 10.00
C THR B 39 -11.08 -6.52 10.13
N SER B 40 -11.51 -5.91 9.03
CA SER B 40 -12.13 -4.60 9.05
C SER B 40 -13.63 -4.72 9.35
N VAL B 41 -14.26 -3.59 9.70
CA VAL B 41 -15.69 -3.56 9.95
C VAL B 41 -16.29 -2.34 9.24
N THR B 42 -17.17 -2.58 8.29
CA THR B 42 -17.61 -1.52 7.38
C THR B 42 -19.12 -1.30 7.33
N SER B 43 -19.85 -1.96 8.23
CA SER B 43 -21.29 -1.82 8.26
C SER B 43 -21.82 -2.31 9.60
N GLU B 44 -23.03 -1.87 9.93
CA GLU B 44 -23.69 -2.33 11.15
C GLU B 44 -23.94 -3.83 11.11
N SER B 45 -24.35 -4.35 9.95
CA SER B 45 -24.60 -5.78 9.83
C SER B 45 -23.32 -6.60 10.06
N GLU B 46 -22.18 -6.09 9.60
CA GLU B 46 -20.93 -6.78 9.80
C GLU B 46 -20.51 -6.74 11.27
N GLN B 47 -20.65 -5.58 11.89
CA GLN B 47 -20.37 -5.45 13.31
C GLN B 47 -21.21 -6.45 14.11
N GLU B 48 -22.49 -6.56 13.75
CA GLU B 48 -23.41 -7.46 14.44
C GLU B 48 -23.00 -8.92 14.25
N PHE B 49 -22.77 -9.32 13.00
CA PHE B 49 -22.25 -10.65 12.74
C PHE B 49 -21.01 -10.96 13.60
N LEU B 50 -20.09 -10.00 13.69
CA LEU B 50 -18.86 -10.24 14.44
C LEU B 50 -19.02 -10.35 15.96
N TYR B 51 -19.73 -9.40 16.56
CA TYR B 51 -19.83 -9.43 18.02
C TYR B 51 -20.69 -10.59 18.48
N LYS B 52 -21.72 -10.92 17.71
CA LYS B 52 -22.57 -12.05 18.07
C LYS B 52 -21.79 -13.37 17.97
N THR B 53 -21.02 -13.50 16.90
CA THR B 53 -20.22 -14.70 16.75
C THR B 53 -19.11 -14.76 17.81
N ALA B 54 -18.59 -13.59 18.22
CA ALA B 54 -17.58 -13.53 19.27
C ALA B 54 -18.05 -14.11 20.61
N GLY B 55 -19.35 -14.04 20.85
CA GLY B 55 -19.95 -14.69 22.02
C GLY B 55 -19.40 -14.22 23.36
N GLY B 56 -19.10 -12.93 23.44
CA GLY B 56 -18.65 -12.35 24.69
C GLY B 56 -17.17 -12.47 25.00
N LEU B 57 -16.40 -13.05 24.09
CA LEU B 57 -14.96 -13.14 24.25
C LEU B 57 -14.32 -12.00 23.47
N ILE B 58 -13.13 -11.58 23.90
CA ILE B 58 -12.43 -10.46 23.26
C ILE B 58 -11.56 -10.94 22.08
N TYR B 59 -11.74 -10.30 20.93
CA TYR B 59 -10.97 -10.67 19.72
C TYR B 59 -10.27 -9.44 19.14
N TRP B 60 -8.98 -9.56 18.89
CA TRP B 60 -8.30 -8.56 18.06
C TRP B 60 -9.00 -8.43 16.70
N ILE B 61 -9.20 -7.19 16.26
CA ILE B 61 -9.61 -6.92 14.89
C ILE B 61 -8.55 -6.05 14.22
N GLY B 62 -8.75 -5.67 12.96
CA GLY B 62 -7.71 -4.99 12.21
C GLY B 62 -7.51 -3.50 12.51
N LEU B 63 -7.99 -3.02 13.65
CA LEU B 63 -7.83 -1.61 14.04
C LEU B 63 -6.42 -1.35 14.52
N THR B 64 -5.75 -0.35 13.92
CA THR B 64 -4.44 0.02 14.43
C THR B 64 -4.14 1.47 14.01
N LYS B 65 -3.24 2.12 14.73
CA LYS B 65 -2.92 3.51 14.39
C LYS B 65 -1.97 3.64 13.21
N ALA B 66 -2.19 4.67 12.41
CA ALA B 66 -1.34 4.96 11.26
C ALA B 66 -1.14 6.47 11.14
N GLY B 67 -0.01 6.87 10.57
CA GLY B 67 0.30 8.28 10.38
C GLY B 67 0.75 8.99 11.65
N MET B 68 1.26 10.21 11.48
CA MET B 68 1.78 11.00 12.60
C MET B 68 0.72 11.33 13.64
N GLU B 69 -0.50 11.55 13.18
CA GLU B 69 -1.57 12.00 14.06
C GLU B 69 -2.17 10.85 14.86
N GLY B 70 -1.83 9.63 14.48
CA GLY B 70 -2.31 8.46 15.18
C GLY B 70 -3.78 8.22 14.91
N ASP B 71 -4.20 8.49 13.68
CA ASP B 71 -5.57 8.21 13.27
C ASP B 71 -5.76 6.71 13.19
N TRP B 72 -6.96 6.24 13.49
CA TRP B 72 -7.20 4.82 13.39
C TRP B 72 -7.29 4.42 11.93
N SER B 73 -6.92 3.19 11.65
CA SER B 73 -6.88 2.67 10.29
C SER B 73 -7.17 1.20 10.32
N TRP B 74 -7.38 0.62 9.13
CA TRP B 74 -7.62 -0.81 8.97
C TRP B 74 -6.40 -1.45 8.33
N VAL B 75 -5.91 -2.55 8.92
CA VAL B 75 -4.70 -3.16 8.39
C VAL B 75 -4.93 -3.78 7.00
N ASP B 76 -6.18 -4.11 6.67
CA ASP B 76 -6.44 -4.64 5.32
C ASP B 76 -6.53 -3.54 4.25
N ASP B 77 -6.23 -2.30 4.67
CA ASP B 77 -6.22 -1.12 3.80
C ASP B 77 -7.57 -0.56 3.37
N THR B 78 -8.67 -1.09 3.92
CA THR B 78 -9.94 -0.43 3.75
C THR B 78 -9.79 0.97 4.33
N PRO B 79 -10.13 2.00 3.56
CA PRO B 79 -10.06 3.35 4.12
C PRO B 79 -10.94 3.45 5.36
N PHE B 80 -10.42 4.05 6.42
CA PHE B 80 -11.14 4.09 7.67
C PHE B 80 -12.10 5.28 7.65
N ASN B 81 -13.38 5.00 7.89
CA ASN B 81 -14.43 6.01 7.86
C ASN B 81 -14.72 6.43 9.29
N LYS B 82 -14.18 7.58 9.68
CA LYS B 82 -14.27 7.97 11.09
C LYS B 82 -15.69 8.32 11.49
N VAL B 83 -16.40 9.00 10.60
CA VAL B 83 -17.79 9.37 10.85
C VAL B 83 -18.65 8.15 11.13
N GLN B 84 -18.54 7.13 10.27
CA GLN B 84 -19.39 5.96 10.33
C GLN B 84 -18.92 4.92 11.34
N SER B 85 -17.70 5.08 11.84
CA SER B 85 -17.15 4.15 12.82
C SER B 85 -17.38 4.60 14.25
N ALA B 86 -17.74 5.86 14.44
CA ALA B 86 -17.86 6.39 15.80
C ALA B 86 -18.85 5.57 16.62
N ARG B 87 -19.89 5.07 15.97
CA ARG B 87 -20.94 4.29 16.64
C ARG B 87 -20.43 2.94 17.13
N PHE B 88 -19.26 2.51 16.67
CA PHE B 88 -18.80 1.16 16.98
C PHE B 88 -17.87 1.03 18.20
N TRP B 89 -17.41 2.15 18.73
CA TRP B 89 -16.56 2.12 19.92
C TRP B 89 -17.40 2.02 21.19
N ILE B 90 -16.90 1.31 22.18
CA ILE B 90 -17.49 1.36 23.53
C ILE B 90 -17.39 2.81 23.96
N PRO B 91 -18.47 3.35 24.57
CA PRO B 91 -18.44 4.73 25.05
C PRO B 91 -17.22 5.00 25.91
N GLY B 92 -16.50 6.08 25.60
CA GLY B 92 -15.29 6.41 26.33
C GLY B 92 -14.03 5.92 25.65
N GLU B 93 -14.20 5.03 24.67
CA GLU B 93 -13.08 4.54 23.88
C GLU B 93 -13.08 5.22 22.52
N PRO B 94 -11.90 5.36 21.91
CA PRO B 94 -10.60 4.91 22.43
C PRO B 94 -10.02 5.85 23.49
N ASN B 95 -9.52 5.30 24.58
CA ASN B 95 -9.04 6.13 25.69
C ASN B 95 -7.52 6.19 25.84
N ASN B 96 -6.80 5.45 25.00
CA ASN B 96 -5.32 5.40 25.04
C ASN B 96 -4.77 5.27 26.47
N ALA B 97 -5.27 4.29 27.20
CA ALA B 97 -4.84 4.08 28.58
C ALA B 97 -3.33 3.95 28.66
N GLY B 98 -2.72 4.66 29.60
CA GLY B 98 -1.27 4.60 29.77
C GLY B 98 -0.52 5.11 28.56
N ASN B 99 -1.23 5.78 27.66
CA ASN B 99 -0.65 6.26 26.41
C ASN B 99 -0.02 5.13 25.61
N ASN B 100 -0.57 3.92 25.74
CA ASN B 100 0.07 2.76 25.13
C ASN B 100 -0.93 1.82 24.45
N GLU B 101 -2.03 2.37 23.95
CA GLU B 101 -3.07 1.54 23.32
C GLU B 101 -3.25 1.85 21.85
N HIS B 102 -2.51 1.15 21.00
CA HIS B 102 -2.41 1.51 19.59
C HIS B 102 -3.04 0.49 18.63
N CYS B 103 -3.74 -0.49 19.20
CA CYS B 103 -4.44 -1.52 18.43
C CYS B 103 -5.85 -1.65 19.00
N GLY B 104 -6.78 -2.23 18.24
CA GLY B 104 -8.15 -2.28 18.68
C GLY B 104 -8.73 -3.69 18.65
N ASN B 105 -9.66 -3.97 19.55
CA ASN B 105 -10.32 -5.28 19.57
C ASN B 105 -11.84 -5.14 19.66
N ILE B 106 -12.56 -6.23 19.38
CA ILE B 106 -13.97 -6.35 19.75
C ILE B 106 -14.03 -6.88 21.20
N LYS B 107 -14.60 -6.06 22.07
CA LYS B 107 -14.63 -6.36 23.50
C LYS B 107 -16.04 -6.62 24.02
N ALA B 108 -16.95 -5.68 23.83
CA ALA B 108 -18.30 -5.82 24.39
C ALA B 108 -19.28 -6.40 23.37
N PRO B 109 -20.15 -7.34 23.81
CA PRO B 109 -21.20 -7.88 22.96
C PRO B 109 -22.32 -6.87 22.70
N SER B 110 -22.05 -5.92 21.80
CA SER B 110 -22.95 -4.82 21.54
C SER B 110 -22.49 -4.17 20.25
N LEU B 111 -23.36 -3.39 19.60
CA LEU B 111 -22.89 -2.61 18.45
C LEU B 111 -21.76 -1.67 18.88
N GLN B 112 -21.84 -1.18 20.13
CA GLN B 112 -20.73 -0.44 20.72
C GLN B 112 -19.77 -1.43 21.35
N ALA B 113 -18.80 -1.89 20.55
CA ALA B 113 -18.00 -3.07 20.90
C ALA B 113 -16.49 -2.84 21.04
N TRP B 114 -15.94 -1.89 20.30
CA TRP B 114 -14.49 -1.79 20.20
C TRP B 114 -13.81 -1.14 21.41
N ASN B 115 -12.63 -1.65 21.71
CA ASN B 115 -11.75 -1.04 22.70
C ASN B 115 -10.33 -0.94 22.14
N ASP B 116 -9.62 0.12 22.49
CA ASP B 116 -8.22 0.17 22.19
C ASP B 116 -7.45 -0.46 23.36
N ALA B 117 -6.45 -1.26 23.01
CA ALA B 117 -5.70 -2.01 23.98
C ALA B 117 -4.25 -2.09 23.54
N PRO B 118 -3.33 -2.37 24.46
CA PRO B 118 -1.90 -2.49 24.12
C PRO B 118 -1.66 -3.58 23.08
N CYS B 119 -0.94 -3.25 22.02
CA CYS B 119 -0.72 -4.20 20.92
C CYS B 119 -0.03 -5.50 21.35
N ASP B 120 0.70 -5.43 22.46
CA ASP B 120 1.48 -6.57 22.93
C ASP B 120 0.68 -7.50 23.83
N LYS B 121 -0.58 -7.15 24.07
CA LYS B 121 -1.46 -8.03 24.84
C LYS B 121 -1.96 -9.17 23.94
N THR B 122 -2.12 -10.36 24.52
CA THR B 122 -2.59 -11.51 23.75
C THR B 122 -4.11 -11.73 23.86
N PHE B 123 -4.77 -11.82 22.72
CA PHE B 123 -6.20 -12.10 22.65
C PHE B 123 -6.43 -13.06 21.49
N LEU B 124 -7.58 -13.72 21.50
CA LEU B 124 -8.05 -14.38 20.30
C LEU B 124 -8.17 -13.30 19.23
N PHE B 125 -8.31 -13.70 17.97
CA PHE B 125 -8.33 -12.74 16.89
C PHE B 125 -9.21 -13.22 15.74
N ILE B 126 -9.62 -12.28 14.88
CA ILE B 126 -10.51 -12.57 13.76
C ILE B 126 -9.87 -12.15 12.44
N CYS B 127 -9.66 -13.12 11.56
CA CYS B 127 -9.18 -12.85 10.19
C CYS B 127 -10.35 -12.72 9.23
N LYS B 128 -10.16 -11.94 8.16
CA LYS B 128 -11.17 -11.74 7.14
C LYS B 128 -10.57 -11.84 5.74
N ARG B 129 -11.26 -12.54 4.84
CA ARG B 129 -10.82 -12.56 3.44
C ARG B 129 -12.01 -12.63 2.48
N PRO B 130 -11.97 -11.81 1.43
CA PRO B 130 -13.06 -11.82 0.46
C PRO B 130 -13.07 -13.13 -0.30
N TYR B 131 -14.25 -13.60 -0.68
CA TYR B 131 -14.33 -14.72 -1.60
C TYR B 131 -13.84 -14.23 -2.96
N VAL B 132 -12.90 -14.97 -3.53
CA VAL B 132 -12.35 -14.66 -4.84
C VAL B 132 -12.45 -15.92 -5.69
N PRO B 133 -13.38 -15.93 -6.64
CA PRO B 133 -13.55 -17.07 -7.56
C PRO B 133 -12.26 -17.36 -8.31
N GLN C 5 -15.33 24.43 -4.20
CA GLN C 5 -16.73 24.07 -4.44
C GLN C 5 -16.81 22.79 -5.25
N GLY C 6 -17.98 22.14 -5.21
CA GLY C 6 -18.20 20.96 -6.02
C GLY C 6 -18.15 19.66 -5.24
N TRP C 7 -17.85 19.74 -3.95
CA TRP C 7 -17.78 18.53 -3.14
C TRP C 7 -19.11 18.25 -2.41
N LYS C 8 -19.68 17.07 -2.66
CA LYS C 8 -20.98 16.70 -2.12
C LYS C 8 -20.84 15.66 -1.02
N TYR C 9 -21.55 15.85 0.08
CA TYR C 9 -21.35 15.00 1.25
C TYR C 9 -22.30 13.82 1.31
N PHE C 10 -21.75 12.66 1.63
CA PHE C 10 -22.55 11.44 1.81
C PHE C 10 -21.82 10.47 2.74
N LYS C 11 -22.45 10.19 3.89
CA LYS C 11 -21.96 9.17 4.82
C LYS C 11 -20.47 9.18 5.12
N GLY C 12 -19.95 10.33 5.54
CA GLY C 12 -18.59 10.40 6.04
C GLY C 12 -17.55 10.71 4.99
N ASN C 13 -17.98 10.84 3.74
CA ASN C 13 -17.11 11.23 2.64
C ASN C 13 -17.65 12.36 1.78
N PHE C 14 -16.73 13.06 1.13
CA PHE C 14 -17.07 14.08 0.15
C PHE C 14 -16.80 13.56 -1.26
N TYR C 15 -17.66 13.91 -2.20
CA TYR C 15 -17.52 13.40 -3.54
C TYR C 15 -17.51 14.55 -4.53
N TYR C 16 -16.59 14.47 -5.49
CA TYR C 16 -16.41 15.49 -6.51
C TYR C 16 -16.73 14.91 -7.87
N PHE C 17 -17.76 15.45 -8.53
CA PHE C 17 -18.14 15.04 -9.89
C PHE C 17 -17.51 16.04 -10.87
N SER C 18 -16.53 15.61 -11.66
CA SER C 18 -15.72 16.58 -12.42
C SER C 18 -16.47 17.30 -13.54
N LEU C 19 -15.95 18.46 -13.94
CA LEU C 19 -16.50 19.21 -15.07
C LEU C 19 -15.71 18.92 -16.35
N ILE C 20 -14.50 18.42 -16.18
CA ILE C 20 -13.58 18.16 -17.28
C ILE C 20 -13.30 16.66 -17.39
N PRO C 21 -13.29 16.12 -18.62
CA PRO C 21 -13.01 14.70 -18.85
C PRO C 21 -11.52 14.40 -18.90
N LYS C 22 -11.15 13.23 -18.36
CA LYS C 22 -9.77 12.75 -18.38
C LYS C 22 -9.73 11.25 -18.59
N THR C 23 -8.55 10.74 -18.91
CA THR C 23 -8.35 9.30 -18.92
C THR C 23 -8.48 8.84 -17.47
N TRP C 24 -8.64 7.53 -17.28
CA TRP C 24 -8.78 6.99 -15.95
C TRP C 24 -7.61 7.39 -15.06
N TYR C 25 -6.38 7.18 -15.53
CA TYR C 25 -5.26 7.51 -14.67
C TYR C 25 -5.05 9.00 -14.45
N SER C 26 -5.26 9.81 -15.49
CA SER C 26 -5.16 11.25 -15.32
C SER C 26 -6.26 11.74 -14.37
N ALA C 27 -7.41 11.07 -14.40
CA ALA C 27 -8.47 11.38 -13.43
C ALA C 27 -7.99 11.04 -12.03
N GLU C 28 -7.40 9.86 -11.85
CA GLU C 28 -6.85 9.50 -10.55
C GLU C 28 -5.81 10.52 -10.07
N GLN C 29 -4.97 10.99 -10.98
CA GLN C 29 -3.93 11.95 -10.62
C GLN C 29 -4.54 13.27 -10.15
N PHE C 30 -5.63 13.67 -10.80
CA PHE C 30 -6.35 14.86 -10.38
C PHE C 30 -6.91 14.65 -8.97
N CYS C 31 -7.54 13.50 -8.75
CA CYS C 31 -8.07 13.20 -7.43
C CYS C 31 -6.96 13.29 -6.37
N VAL C 32 -5.82 12.65 -6.66
CA VAL C 32 -4.70 12.69 -5.74
C VAL C 32 -4.24 14.12 -5.44
N SER C 33 -4.20 14.97 -6.47
CA SER C 33 -3.87 16.39 -6.27
C SER C 33 -4.87 17.12 -5.37
N ARG C 34 -6.07 16.56 -5.23
CA ARG C 34 -7.08 17.13 -4.35
CA ARG C 34 -7.10 17.11 -4.36
C ARG C 34 -7.27 16.28 -3.09
N ASN C 35 -6.23 15.54 -2.71
CA ASN C 35 -6.23 14.75 -1.49
C ASN C 35 -7.34 13.69 -1.48
N SER C 36 -7.51 13.03 -2.61
CA SER C 36 -8.63 12.10 -2.77
C SER C 36 -8.25 10.96 -3.69
N HIS C 37 -9.20 10.07 -3.97
CA HIS C 37 -9.00 9.00 -4.94
C HIS C 37 -10.24 8.87 -5.76
N LEU C 38 -10.13 8.27 -6.95
CA LEU C 38 -11.33 7.88 -7.67
C LEU C 38 -12.20 7.01 -6.76
N THR C 39 -13.50 7.26 -6.76
CA THR C 39 -14.36 6.66 -5.76
C THR C 39 -14.46 5.14 -5.83
N SER C 40 -14.48 4.51 -4.65
CA SER C 40 -14.89 3.13 -4.51
C SER C 40 -16.40 3.09 -4.28
N VAL C 41 -17.00 1.92 -4.40
CA VAL C 41 -18.43 1.77 -4.17
C VAL C 41 -18.60 0.50 -3.36
N THR C 42 -19.11 0.64 -2.14
CA THR C 42 -19.12 -0.49 -1.22
C THR C 42 -20.48 -0.70 -0.53
N SER C 43 -21.53 -0.08 -1.06
CA SER C 43 -22.89 -0.32 -0.57
C SER C 43 -23.89 0.13 -1.62
N GLU C 44 -25.09 -0.44 -1.54
CA GLU C 44 -26.17 -0.03 -2.42
C GLU C 44 -26.47 1.45 -2.26
N SER C 45 -26.48 1.94 -1.02
CA SER C 45 -26.79 3.35 -0.80
C SER C 45 -25.73 4.28 -1.41
N GLU C 46 -24.46 3.85 -1.37
CA GLU C 46 -23.41 4.63 -2.03
C GLU C 46 -23.60 4.61 -3.55
N GLN C 47 -23.86 3.44 -4.11
CA GLN C 47 -24.09 3.34 -5.54
C GLN C 47 -25.27 4.19 -5.96
N GLU C 48 -26.32 4.19 -5.14
CA GLU C 48 -27.52 4.98 -5.39
C GLU C 48 -27.18 6.47 -5.41
N PHE C 49 -26.47 6.92 -4.39
CA PHE C 49 -26.05 8.32 -4.33
C PHE C 49 -25.29 8.68 -5.59
N LEU C 50 -24.39 7.81 -6.01
CA LEU C 50 -23.52 8.12 -7.14
C LEU C 50 -24.24 8.20 -8.48
N TYR C 51 -25.09 7.22 -8.78
CA TYR C 51 -25.72 7.22 -10.09
C TYR C 51 -26.80 8.29 -10.20
N LYS C 52 -27.48 8.56 -9.10
CA LYS C 52 -28.48 9.63 -9.11
C LYS C 52 -27.82 10.99 -9.28
N THR C 53 -26.72 11.21 -8.57
CA THR C 53 -26.01 12.48 -8.69
C THR C 53 -25.42 12.60 -10.09
N ALA C 54 -25.00 11.48 -10.67
CA ALA C 54 -24.40 11.44 -11.99
C ALA C 54 -25.39 11.96 -13.02
N GLY C 55 -26.67 11.71 -12.78
CA GLY C 55 -27.74 12.26 -13.60
C GLY C 55 -27.62 11.94 -15.08
N GLY C 56 -27.14 10.73 -15.38
CA GLY C 56 -27.08 10.28 -16.76
C GLY C 56 -25.77 10.53 -17.47
N LEU C 57 -24.87 11.29 -16.83
CA LEU C 57 -23.54 11.50 -17.39
C LEU C 57 -22.63 10.34 -16.98
N ILE C 58 -21.61 10.07 -17.78
CA ILE C 58 -20.71 8.95 -17.53
C ILE C 58 -19.46 9.41 -16.78
N TYR C 59 -19.16 8.74 -15.67
CA TYR C 59 -18.02 9.11 -14.84
C TYR C 59 -17.14 7.90 -14.52
N TRP C 60 -15.84 8.05 -14.72
CA TRP C 60 -14.89 7.07 -14.20
C TRP C 60 -15.06 6.95 -12.69
N ILE C 61 -15.00 5.73 -12.19
CA ILE C 61 -14.86 5.49 -10.76
C ILE C 61 -13.54 4.73 -10.55
N GLY C 62 -13.25 4.34 -9.31
CA GLY C 62 -11.93 3.80 -9.01
C GLY C 62 -11.72 2.33 -9.32
N LEU C 63 -12.56 1.79 -10.19
CA LEU C 63 -12.54 0.40 -10.59
C LEU C 63 -11.48 0.14 -11.66
N THR C 64 -10.58 -0.79 -11.38
CA THR C 64 -9.57 -1.10 -12.38
C THR C 64 -9.07 -2.53 -12.20
N LYS C 65 -8.64 -3.16 -13.27
CA LYS C 65 -8.06 -4.49 -13.14
C LYS C 65 -6.66 -4.41 -12.54
N ALA C 66 -6.34 -5.37 -11.67
CA ALA C 66 -5.02 -5.51 -11.07
C ALA C 66 -4.67 -6.99 -10.90
N GLY C 67 -3.49 -7.39 -11.35
CA GLY C 67 -3.01 -8.74 -11.16
C GLY C 67 -3.05 -9.61 -12.40
N MET C 68 -2.48 -10.80 -12.29
CA MET C 68 -2.38 -11.73 -13.42
C MET C 68 -3.73 -12.29 -13.87
N GLU C 69 -4.67 -12.38 -12.93
CA GLU C 69 -5.99 -12.90 -13.26
C GLU C 69 -6.88 -11.81 -13.83
N GLY C 70 -6.42 -10.56 -13.73
CA GLY C 70 -7.18 -9.43 -14.21
C GLY C 70 -8.40 -9.17 -13.34
N ASP C 71 -8.28 -9.52 -12.06
CA ASP C 71 -9.36 -9.27 -11.11
C ASP C 71 -9.57 -7.77 -10.92
N TRP C 72 -10.83 -7.38 -10.81
CA TRP C 72 -11.17 -5.99 -10.51
C TRP C 72 -10.71 -5.60 -9.12
N SER C 73 -10.32 -4.34 -8.98
CA SER C 73 -9.81 -3.78 -7.73
C SER C 73 -10.24 -2.33 -7.60
N TRP C 74 -10.06 -1.78 -6.39
CA TRP C 74 -10.31 -0.37 -6.13
C TRP C 74 -8.99 0.36 -5.97
N VAL C 75 -8.83 1.47 -6.70
CA VAL C 75 -7.59 2.24 -6.57
C VAL C 75 -7.34 2.81 -5.16
N ASP C 76 -8.40 3.03 -4.39
CA ASP C 76 -8.20 3.51 -3.01
C ASP C 76 -7.83 2.40 -2.02
N ASP C 77 -7.65 1.18 -2.55
CA ASP C 77 -7.17 0.00 -1.81
C ASP C 77 -8.23 -0.73 -0.98
N THR C 78 -9.48 -0.30 -1.06
CA THR C 78 -10.56 -1.11 -0.49
C THR C 78 -10.50 -2.50 -1.11
N PRO C 79 -10.47 -3.56 -0.29
CA PRO C 79 -10.55 -4.91 -0.88
C PRO C 79 -11.81 -5.06 -1.73
N PHE C 80 -11.67 -5.64 -2.92
CA PHE C 80 -12.79 -5.82 -3.82
C PHE C 80 -13.63 -7.03 -3.40
N ASN C 81 -14.93 -6.79 -3.23
CA ASN C 81 -15.88 -7.83 -2.87
C ASN C 81 -16.68 -8.17 -4.12
N LYS C 82 -16.31 -9.26 -4.79
CA LYS C 82 -16.93 -9.55 -6.07
C LYS C 82 -18.39 -9.95 -5.88
N VAL C 83 -18.67 -10.65 -4.78
CA VAL C 83 -20.03 -11.11 -4.50
C VAL C 83 -20.98 -9.93 -4.42
N GLN C 84 -20.60 -8.95 -3.60
CA GLN C 84 -21.45 -7.80 -3.36
C GLN C 84 -21.45 -6.80 -4.50
N SER C 85 -20.44 -6.85 -5.36
CA SER C 85 -20.34 -5.91 -6.48
C SER C 85 -21.06 -6.39 -7.74
N ALA C 86 -21.44 -7.66 -7.79
CA ALA C 86 -22.03 -8.21 -9.01
C ALA C 86 -23.30 -7.46 -9.41
N ARG C 87 -24.07 -7.03 -8.41
CA ARG C 87 -25.32 -6.31 -8.63
C ARG C 87 -25.15 -4.94 -9.30
N PHE C 88 -23.92 -4.44 -9.37
CA PHE C 88 -23.71 -3.06 -9.79
C PHE C 88 -23.32 -2.89 -11.25
N TRP C 89 -23.05 -3.98 -11.96
CA TRP C 89 -22.71 -3.90 -13.38
C TRP C 89 -23.97 -3.82 -14.25
N ILE C 90 -23.89 -3.05 -15.32
CA ILE C 90 -24.91 -3.10 -16.39
C ILE C 90 -25.02 -4.54 -16.89
N PRO C 91 -26.23 -5.01 -17.21
CA PRO C 91 -26.36 -6.36 -17.76
C PRO C 91 -25.43 -6.57 -18.96
N GLY C 92 -24.67 -7.66 -18.95
CA GLY C 92 -23.74 -7.93 -20.03
C GLY C 92 -22.33 -7.42 -19.75
N GLU C 93 -22.18 -6.57 -18.73
CA GLU C 93 -20.86 -6.06 -18.38
C GLU C 93 -20.32 -6.80 -17.16
N PRO C 94 -19.00 -6.88 -17.01
CA PRO C 94 -18.01 -6.34 -17.96
C PRO C 94 -17.82 -7.25 -19.16
N ASN C 95 -17.70 -6.68 -20.36
CA ASN C 95 -17.59 -7.50 -21.56
C ASN C 95 -16.22 -7.45 -22.22
N ASN C 96 -15.30 -6.69 -21.63
CA ASN C 96 -13.93 -6.59 -22.16
C ASN C 96 -13.91 -6.42 -23.68
N ALA C 97 -14.64 -5.43 -24.19
CA ALA C 97 -14.71 -5.17 -25.62
C ALA C 97 -13.31 -4.94 -26.22
N GLY C 98 -13.01 -5.65 -27.31
CA GLY C 98 -11.72 -5.55 -27.96
C GLY C 98 -10.55 -5.98 -27.09
N ASN C 99 -10.84 -6.77 -26.06
CA ASN C 99 -9.84 -7.18 -25.07
C ASN C 99 -9.06 -6.01 -24.47
N ASN C 100 -9.69 -4.85 -24.36
CA ASN C 100 -8.97 -3.64 -23.97
C ASN C 100 -9.70 -2.76 -22.97
N GLU C 101 -10.61 -3.35 -22.21
CA GLU C 101 -11.42 -2.58 -21.26
C GLU C 101 -11.09 -2.94 -19.82
N HIS C 102 -10.10 -2.23 -19.26
CA HIS C 102 -9.51 -2.61 -18.00
C HIS C 102 -9.75 -1.59 -16.89
N CYS C 103 -10.65 -0.65 -17.15
CA CYS C 103 -11.07 0.32 -16.13
C CYS C 103 -12.60 0.38 -16.12
N GLY C 104 -13.18 0.91 -15.03
CA GLY C 104 -14.63 0.94 -14.92
C GLY C 104 -15.21 2.31 -14.67
N ASN C 105 -16.40 2.53 -15.24
CA ASN C 105 -17.11 3.78 -15.03
C ASN C 105 -18.55 3.54 -14.58
N ILE C 106 -19.17 4.57 -14.03
CA ILE C 106 -20.61 4.58 -13.85
C ILE C 106 -21.24 5.14 -15.11
N LYS C 107 -22.12 4.38 -15.74
CA LYS C 107 -22.63 4.72 -17.06
C LYS C 107 -24.15 4.88 -17.10
N ALA C 108 -24.86 3.85 -16.65
CA ALA C 108 -26.32 3.84 -16.76
C ALA C 108 -27.02 4.46 -15.55
N PRO C 109 -28.21 5.07 -15.77
CA PRO C 109 -29.00 5.67 -14.69
C PRO C 109 -29.80 4.65 -13.88
N SER C 110 -29.08 3.70 -13.28
CA SER C 110 -29.67 2.56 -12.58
C SER C 110 -28.68 2.00 -11.55
N LEU C 111 -29.15 1.22 -10.58
CA LEU C 111 -28.23 0.56 -9.66
C LEU C 111 -27.25 -0.33 -10.44
N GLN C 112 -27.74 -0.91 -11.53
CA GLN C 112 -26.87 -1.61 -12.46
C GLN C 112 -26.28 -0.58 -13.42
N ALA C 113 -25.15 0.01 -13.01
CA ALA C 113 -24.66 1.21 -13.68
C ALA C 113 -23.29 1.05 -14.34
N TRP C 114 -22.51 0.08 -13.88
CA TRP C 114 -21.09 0.02 -14.26
C TRP C 114 -20.83 -0.57 -15.64
N ASN C 115 -19.90 0.04 -16.36
CA ASN C 115 -19.37 -0.52 -17.59
C ASN C 115 -17.85 -0.57 -17.53
N ASP C 116 -17.26 -1.60 -18.14
CA ASP C 116 -15.82 -1.60 -18.35
C ASP C 116 -15.51 -0.90 -19.68
N ALA C 117 -14.45 -0.10 -19.68
CA ALA C 117 -14.08 0.72 -20.83
C ALA C 117 -12.57 0.86 -20.87
N PRO C 118 -12.02 1.25 -22.03
CA PRO C 118 -10.56 1.41 -22.12
C PRO C 118 -10.03 2.49 -21.20
N CYS C 119 -8.99 2.17 -20.45
CA CYS C 119 -8.45 3.12 -19.48
C CYS C 119 -8.00 4.44 -20.13
N ASP C 120 -7.64 4.38 -21.40
CA ASP C 120 -7.08 5.55 -22.07
C ASP C 120 -8.15 6.38 -22.77
N LYS C 121 -9.41 6.03 -22.53
CA LYS C 121 -10.53 6.86 -22.99
C LYS C 121 -10.86 7.96 -21.97
N THR C 122 -11.34 9.10 -22.45
CA THR C 122 -11.60 10.23 -21.57
C THR C 122 -13.07 10.32 -21.17
N PHE C 123 -13.31 10.46 -19.87
CA PHE C 123 -14.66 10.65 -19.33
C PHE C 123 -14.56 11.60 -18.16
N LEU C 124 -15.68 12.20 -17.78
CA LEU C 124 -15.77 12.87 -16.49
C LEU C 124 -15.42 11.81 -15.44
N PHE C 125 -15.18 12.24 -14.21
CA PHE C 125 -14.76 11.31 -13.16
C PHE C 125 -15.27 11.73 -11.79
N ILE C 126 -15.25 10.80 -10.84
CA ILE C 126 -15.71 11.08 -9.49
C ILE C 126 -14.64 10.78 -8.44
N CYS C 127 -14.24 11.80 -7.68
CA CYS C 127 -13.29 11.63 -6.57
C CYS C 127 -14.03 11.47 -5.26
N LYS C 128 -13.42 10.75 -4.32
CA LYS C 128 -13.98 10.53 -2.98
C LYS C 128 -12.91 10.89 -1.97
N ARG C 129 -13.29 11.71 -1.00
CA ARG C 129 -12.35 12.22 0.00
CA ARG C 129 -12.35 12.22 0.00
C ARG C 129 -12.98 12.05 1.38
N PRO C 130 -12.26 11.41 2.31
CA PRO C 130 -12.92 11.24 3.60
C PRO C 130 -13.05 12.56 4.36
N TYR C 131 -14.12 12.69 5.14
CA TYR C 131 -14.21 13.75 6.13
C TYR C 131 -13.61 13.22 7.43
N VAL C 132 -12.74 14.01 8.06
CA VAL C 132 -12.12 13.59 9.30
C VAL C 132 -12.44 14.56 10.44
N PRO C 133 -13.41 14.18 11.30
CA PRO C 133 -13.76 15.04 12.44
C PRO C 133 -12.57 15.19 13.37
N GLN D 5 14.08 14.74 18.73
CA GLN D 5 15.47 14.95 18.32
C GLN D 5 16.31 13.69 18.48
N GLY D 6 17.56 13.76 18.04
CA GLY D 6 18.46 12.62 18.12
C GLY D 6 18.60 11.89 16.80
N TRP D 7 18.04 12.46 15.75
CA TRP D 7 18.10 11.84 14.43
C TRP D 7 19.46 12.01 13.76
N LYS D 8 19.96 10.94 13.17
CA LYS D 8 21.24 10.96 12.49
C LYS D 8 21.02 10.95 10.98
N TYR D 9 21.75 11.78 10.26
CA TYR D 9 21.55 11.91 8.82
C TYR D 9 22.51 11.02 8.03
N PHE D 10 21.97 10.31 7.03
CA PHE D 10 22.78 9.50 6.14
C PHE D 10 22.08 9.36 4.79
N LYS D 11 22.73 9.87 3.74
CA LYS D 11 22.24 9.77 2.36
C LYS D 11 20.75 10.01 2.17
N GLY D 12 20.28 11.18 2.61
CA GLY D 12 18.91 11.59 2.32
C GLY D 12 17.85 11.02 3.26
N ASN D 13 18.30 10.36 4.31
CA ASN D 13 17.38 9.88 5.34
C ASN D 13 17.88 10.23 6.73
N PHE D 14 16.96 10.32 7.67
CA PHE D 14 17.29 10.47 9.07
C PHE D 14 17.00 9.17 9.78
N TYR D 15 17.85 8.84 10.75
CA TYR D 15 17.72 7.59 11.47
C TYR D 15 17.70 7.83 12.97
N TYR D 16 16.83 7.11 13.66
CA TYR D 16 16.69 7.23 15.10
C TYR D 16 17.06 5.88 15.71
N PHE D 17 18.09 5.87 16.54
CA PHE D 17 18.51 4.65 17.24
C PHE D 17 17.97 4.72 18.66
N SER D 18 17.01 3.86 18.98
CA SER D 18 16.30 3.99 20.24
C SER D 18 17.20 3.66 21.43
N LEU D 19 16.79 4.16 22.59
CA LEU D 19 17.45 3.86 23.85
C LEU D 19 16.57 2.96 24.70
N ILE D 20 15.32 2.78 24.26
CA ILE D 20 14.36 1.92 24.95
C ILE D 20 14.02 0.73 24.07
N PRO D 21 13.92 -0.47 24.67
CA PRO D 21 13.57 -1.68 23.92
C PRO D 21 12.05 -1.83 23.77
N LYS D 22 11.63 -2.38 22.63
CA LYS D 22 10.22 -2.65 22.39
C LYS D 22 10.10 -3.89 21.53
N THR D 23 8.91 -4.48 21.48
CA THR D 23 8.65 -5.55 20.54
C THR D 23 8.74 -4.96 19.14
N TRP D 24 8.86 -5.81 18.13
CA TRP D 24 8.94 -5.31 16.76
C TRP D 24 7.78 -4.39 16.41
N TYR D 25 6.54 -4.82 16.68
CA TYR D 25 5.42 -3.98 16.25
C TYR D 25 5.24 -2.71 17.07
N SER D 26 5.50 -2.79 18.37
CA SER D 26 5.47 -1.58 19.19
C SER D 26 6.58 -0.62 18.74
N ALA D 27 7.72 -1.16 18.33
CA ALA D 27 8.77 -0.32 17.74
C ALA D 27 8.25 0.36 16.48
N GLU D 28 7.64 -0.41 15.58
CA GLU D 28 7.09 0.19 14.38
C GLU D 28 6.07 1.28 14.71
N GLN D 29 5.20 1.03 15.68
CA GLN D 29 4.22 2.03 16.09
C GLN D 29 4.90 3.31 16.59
N PHE D 30 5.99 3.14 17.33
CA PHE D 30 6.76 4.29 17.79
C PHE D 30 7.31 5.05 16.58
N CYS D 31 7.86 4.33 15.61
CA CYS D 31 8.38 4.99 14.42
C CYS D 31 7.28 5.75 13.68
N VAL D 32 6.12 5.13 13.52
CA VAL D 32 4.99 5.76 12.85
C VAL D 32 4.58 7.05 13.58
N SER D 33 4.61 7.03 14.91
CA SER D 33 4.26 8.21 15.70
C SER D 33 5.25 9.35 15.46
N ARG D 34 6.44 9.01 14.99
CA ARG D 34 7.46 9.99 14.65
C ARG D 34 7.60 10.14 13.13
N ASN D 35 6.53 9.86 12.40
CA ASN D 35 6.52 10.03 10.95
C ASN D 35 7.61 9.23 10.26
N SER D 36 7.78 7.98 10.68
CA SER D 36 8.88 7.15 10.17
C SER D 36 8.46 5.69 10.17
N HIS D 37 9.40 4.81 9.80
CA HIS D 37 9.18 3.37 9.82
C HIS D 37 10.45 2.72 10.31
N LEU D 38 10.34 1.52 10.87
CA LEU D 38 11.54 0.72 11.11
C LEU D 38 12.34 0.66 9.81
N THR D 39 13.67 0.78 9.92
CA THR D 39 14.51 1.00 8.75
C THR D 39 14.58 -0.18 7.78
N SER D 40 14.51 0.13 6.48
CA SER D 40 14.90 -0.81 5.44
C SER D 40 16.40 -0.70 5.23
N VAL D 41 16.98 -1.68 4.52
CA VAL D 41 18.41 -1.69 4.24
C VAL D 41 18.57 -2.13 2.80
N THR D 42 19.06 -1.23 1.95
CA THR D 42 19.07 -1.53 0.51
C THR D 42 20.38 -1.24 -0.19
N SER D 43 21.43 -0.98 0.59
CA SER D 43 22.76 -0.89 0.01
C SER D 43 23.82 -1.30 1.03
N GLU D 44 24.99 -1.67 0.51
CA GLU D 44 26.10 -2.00 1.37
C GLU D 44 26.41 -0.81 2.28
N SER D 45 26.40 0.39 1.72
CA SER D 45 26.75 1.59 2.48
C SER D 45 25.76 1.85 3.63
N GLU D 46 24.49 1.60 3.39
CA GLU D 46 23.49 1.77 4.43
C GLU D 46 23.67 0.71 5.51
N GLN D 47 23.88 -0.54 5.10
CA GLN D 47 24.15 -1.61 6.07
C GLN D 47 25.36 -1.25 6.92
N GLU D 48 26.41 -0.72 6.27
CA GLU D 48 27.62 -0.31 6.97
C GLU D 48 27.35 0.80 7.97
N PHE D 49 26.63 1.83 7.54
CA PHE D 49 26.25 2.91 8.46
C PHE D 49 25.49 2.37 9.67
N LEU D 50 24.55 1.47 9.41
CA LEU D 50 23.69 0.97 10.47
C LEU D 50 24.43 0.09 11.47
N TYR D 51 25.22 -0.87 10.97
CA TYR D 51 25.91 -1.76 11.91
C TYR D 51 27.00 -1.00 12.68
N LYS D 52 27.68 -0.07 12.01
CA LYS D 52 28.73 0.69 12.68
C LYS D 52 28.13 1.56 13.76
N THR D 53 27.02 2.23 13.44
CA THR D 53 26.37 3.08 14.43
C THR D 53 25.77 2.26 15.58
N ALA D 54 25.28 1.06 15.27
CA ALA D 54 24.70 0.18 16.29
C ALA D 54 25.73 -0.22 17.34
N GLY D 55 26.99 -0.23 16.95
CA GLY D 55 28.09 -0.41 17.88
C GLY D 55 28.05 -1.72 18.63
N GLY D 56 27.59 -2.76 17.96
CA GLY D 56 27.63 -4.09 18.53
C GLY D 56 26.44 -4.48 19.36
N LEU D 57 25.45 -3.59 19.49
CA LEU D 57 24.19 -3.89 20.15
C LEU D 57 23.10 -4.25 19.13
N ILE D 58 22.07 -4.93 19.60
CA ILE D 58 21.04 -5.49 18.74
C ILE D 58 19.83 -4.56 18.58
N TYR D 59 19.47 -4.24 17.33
CA TYR D 59 18.36 -3.34 17.07
C TYR D 59 17.38 -3.96 16.08
N TRP D 60 16.08 -3.92 16.38
CA TRP D 60 15.08 -4.25 15.37
C TRP D 60 15.25 -3.36 14.14
N ILE D 61 15.10 -3.96 12.97
CA ILE D 61 14.94 -3.17 11.74
C ILE D 61 13.63 -3.59 11.09
N GLY D 62 13.30 -3.03 9.93
CA GLY D 62 11.99 -3.21 9.35
C GLY D 62 11.75 -4.53 8.64
N LEU D 63 12.58 -5.51 8.95
CA LEU D 63 12.52 -6.84 8.34
C LEU D 63 11.40 -7.66 8.95
N THR D 64 10.50 -8.20 8.14
CA THR D 64 9.43 -9.03 8.68
C THR D 64 8.85 -9.94 7.59
N LYS D 65 8.34 -11.10 7.98
CA LYS D 65 7.69 -11.97 7.01
C LYS D 65 6.32 -11.46 6.61
N ALA D 66 5.99 -11.61 5.34
CA ALA D 66 4.66 -11.27 4.82
C ALA D 66 4.31 -12.18 3.63
N GLY D 67 3.05 -12.55 3.50
CA GLY D 67 2.60 -13.38 2.40
C GLY D 67 2.46 -14.85 2.74
N MET D 68 1.88 -15.61 1.80
CA MET D 68 1.62 -17.04 2.00
C MET D 68 2.87 -17.86 2.31
N GLU D 69 3.96 -17.58 1.61
CA GLU D 69 5.20 -18.33 1.76
C GLU D 69 6.07 -17.79 2.88
N GLY D 70 5.61 -16.71 3.50
CA GLY D 70 6.36 -16.07 4.57
C GLY D 70 7.68 -15.51 4.06
N ASP D 71 7.68 -14.98 2.84
CA ASP D 71 8.87 -14.33 2.33
C ASP D 71 9.16 -13.07 3.12
N TRP D 72 10.44 -12.75 3.26
CA TRP D 72 10.83 -11.54 3.96
C TRP D 72 10.41 -10.29 3.19
N SER D 73 10.12 -9.23 3.94
CA SER D 73 9.61 -7.98 3.39
C SER D 73 10.10 -6.85 4.27
N TRP D 74 9.96 -5.63 3.74
CA TRP D 74 10.22 -4.40 4.49
C TRP D 74 8.92 -3.71 4.85
N VAL D 75 8.80 -3.33 6.13
CA VAL D 75 7.58 -2.69 6.61
C VAL D 75 7.33 -1.33 5.93
N ASP D 76 8.39 -0.69 5.45
CA ASP D 76 8.23 0.59 4.77
C ASP D 76 7.81 0.44 3.30
N ASP D 77 7.58 -0.80 2.90
CA ASP D 77 7.11 -1.19 1.56
C ASP D 77 8.16 -1.17 0.45
N THR D 78 9.42 -0.94 0.81
CA THR D 78 10.51 -1.17 -0.13
C THR D 78 10.42 -2.62 -0.60
N PRO D 79 10.36 -2.85 -1.91
CA PRO D 79 10.42 -4.23 -2.38
C PRO D 79 11.66 -4.96 -1.82
N PHE D 80 11.50 -6.20 -1.36
CA PHE D 80 12.61 -6.92 -0.75
C PHE D 80 13.39 -7.67 -1.83
N ASN D 81 14.70 -7.40 -1.89
CA ASN D 81 15.54 -8.04 -2.91
C ASN D 81 16.24 -9.21 -2.24
N LYS D 82 15.70 -10.41 -2.45
CA LYS D 82 16.23 -11.58 -1.76
C LYS D 82 17.67 -11.87 -2.17
N VAL D 83 17.94 -11.75 -3.47
CA VAL D 83 19.27 -12.03 -3.99
C VAL D 83 20.31 -11.10 -3.36
N GLN D 84 20.05 -9.79 -3.41
CA GLN D 84 21.02 -8.80 -2.95
C GLN D 84 21.09 -8.72 -1.43
N SER D 85 20.08 -9.27 -0.75
CA SER D 85 20.06 -9.19 0.71
C SER D 85 20.76 -10.38 1.32
N ALA D 86 21.05 -11.38 0.50
CA ALA D 86 21.61 -12.63 1.02
C ALA D 86 22.86 -12.34 1.82
N ARG D 87 23.66 -11.42 1.32
CA ARG D 87 24.96 -11.15 1.94
C ARG D 87 24.83 -10.36 3.24
N PHE D 88 23.61 -9.95 3.60
CA PHE D 88 23.44 -9.12 4.79
C PHE D 88 23.03 -9.92 6.02
N TRP D 89 22.67 -11.19 5.83
CA TRP D 89 22.36 -12.09 6.94
C TRP D 89 23.64 -12.67 7.52
N ILE D 90 23.62 -12.94 8.81
CA ILE D 90 24.68 -13.71 9.43
C ILE D 90 24.59 -15.12 8.84
N PRO D 91 25.72 -15.68 8.37
CA PRO D 91 25.67 -17.03 7.81
C PRO D 91 24.91 -17.98 8.74
N GLY D 92 23.93 -18.68 8.19
CA GLY D 92 23.10 -19.59 8.97
C GLY D 92 21.72 -19.00 9.28
N GLU D 93 21.59 -17.69 9.11
CA GLU D 93 20.32 -17.03 9.31
C GLU D 93 19.73 -16.71 7.94
N PRO D 94 18.39 -16.60 7.86
CA PRO D 94 17.43 -16.81 8.95
C PRO D 94 17.17 -18.28 9.24
N ASN D 95 17.21 -18.66 10.51
CA ASN D 95 17.05 -20.07 10.86
C ASN D 95 15.70 -20.44 11.48
N ASN D 96 14.82 -19.46 11.64
CA ASN D 96 13.48 -19.70 12.17
C ASN D 96 13.48 -20.59 13.42
N ALA D 97 14.27 -20.20 14.42
CA ALA D 97 14.37 -20.98 15.66
C ALA D 97 13.00 -21.18 16.33
N GLY D 98 12.71 -22.42 16.70
CA GLY D 98 11.43 -22.73 17.32
C GLY D 98 10.24 -22.42 16.43
N ASN D 99 10.48 -22.32 15.12
CA ASN D 99 9.46 -21.93 14.16
C ASN D 99 8.69 -20.69 14.59
N ASN D 100 9.40 -19.72 15.16
CA ASN D 100 8.74 -18.56 15.73
C ASN D 100 9.55 -17.27 15.55
N GLU D 101 10.39 -17.21 14.52
CA GLU D 101 11.21 -16.03 14.28
C GLU D 101 10.81 -15.33 12.99
N HIS D 102 9.83 -14.42 13.10
CA HIS D 102 9.24 -13.80 11.90
C HIS D 102 9.53 -12.31 11.76
N CYS D 103 10.46 -11.80 12.56
CA CYS D 103 10.96 -10.43 12.41
C CYS D 103 12.48 -10.43 12.44
N GLY D 104 13.09 -9.35 11.98
CA GLY D 104 14.53 -9.35 11.85
C GLY D 104 15.19 -8.16 12.50
N ASN D 105 16.42 -8.39 12.96
CA ASN D 105 17.20 -7.34 13.61
C ASN D 105 18.62 -7.25 13.09
N ILE D 106 19.31 -6.16 13.40
CA ILE D 106 20.75 -6.09 13.20
C ILE D 106 21.41 -6.60 14.48
N LYS D 107 22.18 -7.66 14.34
CA LYS D 107 22.77 -8.32 15.50
C LYS D 107 24.29 -8.18 15.55
N ALA D 108 24.96 -8.61 14.48
CA ALA D 108 26.42 -8.63 14.47
C ALA D 108 27.00 -7.38 13.82
N PRO D 109 28.09 -6.86 14.39
CA PRO D 109 28.77 -5.72 13.78
C PRO D 109 29.59 -6.16 12.57
N SER D 110 28.91 -6.43 11.46
CA SER D 110 29.53 -6.90 10.23
C SER D 110 28.53 -6.64 9.11
N LEU D 111 29.01 -6.62 7.87
CA LEU D 111 28.06 -6.52 6.77
C LEU D 111 27.12 -7.73 6.85
N GLN D 112 27.62 -8.82 7.38
CA GLN D 112 26.78 -9.99 7.65
C GLN D 112 26.20 -9.85 9.06
N ALA D 113 25.07 -9.13 9.13
CA ALA D 113 24.58 -8.60 10.40
C ALA D 113 23.23 -9.13 10.88
N TRP D 114 22.34 -9.51 9.98
CA TRP D 114 20.94 -9.72 10.38
C TRP D 114 20.67 -11.08 11.01
N ASN D 115 19.74 -11.09 11.96
CA ASN D 115 19.22 -12.31 12.54
C ASN D 115 17.70 -12.28 12.59
N ASP D 116 17.06 -13.42 12.36
CA ASP D 116 15.63 -13.51 12.60
C ASP D 116 15.37 -13.89 14.05
N ALA D 117 14.41 -13.19 14.65
CA ALA D 117 14.04 -13.36 16.05
C ALA D 117 12.54 -13.22 16.23
N PRO D 118 11.99 -13.72 17.35
CA PRO D 118 10.55 -13.64 17.57
C PRO D 118 10.05 -12.20 17.66
N CYS D 119 8.96 -11.90 16.96
CA CYS D 119 8.45 -10.53 16.86
C CYS D 119 8.05 -9.93 18.19
N ASP D 120 7.66 -10.79 19.13
CA ASP D 120 7.18 -10.34 20.44
C ASP D 120 8.32 -10.20 21.46
N LYS D 121 9.55 -10.39 21.01
CA LYS D 121 10.72 -10.14 21.84
C LYS D 121 11.04 -8.64 21.84
N THR D 122 11.58 -8.12 22.94
CA THR D 122 11.96 -6.70 22.99
C THR D 122 13.44 -6.45 22.69
N PHE D 123 13.69 -5.47 21.82
CA PHE D 123 15.04 -5.00 21.53
C PHE D 123 14.98 -3.49 21.29
N LEU D 124 16.14 -2.86 21.31
CA LEU D 124 16.26 -1.49 20.80
C LEU D 124 15.83 -1.56 19.33
N PHE D 125 15.59 -0.39 18.71
CA PHE D 125 15.10 -0.39 17.33
C PHE D 125 15.61 0.82 16.57
N ILE D 126 15.59 0.75 15.24
CA ILE D 126 16.02 1.86 14.38
C ILE D 126 14.91 2.32 13.45
N CYS D 127 14.53 3.60 13.55
CA CYS D 127 13.57 4.23 12.65
C CYS D 127 14.29 4.96 11.52
N LYS D 128 13.64 5.05 10.37
CA LYS D 128 14.18 5.76 9.22
C LYS D 128 13.09 6.66 8.67
N ARG D 129 13.45 7.89 8.34
CA ARG D 129 12.52 8.77 7.63
C ARG D 129 13.24 9.67 6.64
N PRO D 130 12.58 9.99 5.51
CA PRO D 130 13.26 10.77 4.48
C PRO D 130 13.55 12.18 4.97
N TYR D 131 14.63 12.78 4.46
CA TYR D 131 14.81 14.21 4.66
C TYR D 131 13.74 14.86 3.81
N VAL D 132 13.02 15.82 4.37
CA VAL D 132 11.99 16.53 3.63
C VAL D 132 12.46 17.93 3.24
N PRO D 133 13.08 18.03 2.05
CA PRO D 133 13.64 19.30 1.54
C PRO D 133 12.60 20.39 1.45
#